data_3NHR
#
_entry.id   3NHR
#
_cell.length_a   56.781
_cell.length_b   83.610
_cell.length_c   106.632
_cell.angle_alpha   90.000
_cell.angle_beta   90.000
_cell.angle_gamma   90.000
#
_symmetry.space_group_name_H-M   'P 21 21 21'
#
loop_
_entity.id
_entity.type
_entity.pdbx_description
1 polymer 'Ribosyldihydronicotinamide dehydrogenase [quinone]'
2 non-polymer 'ZINC ION'
3 non-polymer 'FLAVIN-ADENINE DINUCLEOTIDE'
4 non-polymer 5,6,8-trimethoxy-1,4-dimethylquinolin-2(1H)-one
5 water water
#
_entity_poly.entity_id   1
_entity_poly.type   'polypeptide(L)'
_entity_poly.pdbx_seq_one_letter_code
;AGKKVLIVYAHQEPKSFNGSLKNVAVDELSRQGCTVTVSDLYAMNFEPRATDKDITGTLSNPEVFNYGVETHEAYKQRSL
ASDITDEQKKVREADLVIFQFPLYWFSVPAILKGWMDRVLCQGFAFDIPGFYDSGLLQGKLALLSVTTGGTAEMYTKTGV
NGDSRYFLWPLQHGTLHFCGFKVLAPQISFAPEIASEEERKGMVAAWSQRLQTIWKEEPIPCTAHWHFGQ
;
_entity_poly.pdbx_strand_id   A,B
#
loop_
_chem_comp.id
_chem_comp.type
_chem_comp.name
_chem_comp.formula
FAD non-polymer 'FLAVIN-ADENINE DINUCLEOTIDE' 'C27 H33 N9 O15 P2'
RZW non-polymer 5,6,8-trimethoxy-1,4-dimethylquinolin-2(1H)-one 'C14 H17 N O4'
ZN non-polymer 'ZINC ION' 'Zn 2'
#
# COMPACT_ATOMS: atom_id res chain seq x y z
N GLY A 2 -7.82 22.78 -24.33
CA GLY A 2 -8.68 22.14 -23.28
C GLY A 2 -7.83 21.07 -22.58
N LYS A 3 -8.21 20.60 -21.41
CA LYS A 3 -7.39 19.53 -20.81
C LYS A 3 -8.35 18.51 -20.20
N LYS A 4 -7.90 17.28 -20.03
CA LYS A 4 -8.76 16.23 -19.47
C LYS A 4 -8.13 15.85 -18.16
N VAL A 5 -8.97 15.69 -17.12
CA VAL A 5 -8.51 15.25 -15.83
C VAL A 5 -9.33 14.01 -15.39
N LEU A 6 -8.58 13.05 -14.84
CA LEU A 6 -9.22 11.89 -14.21
C LEU A 6 -9.01 12.06 -12.71
N ILE A 7 -10.05 11.95 -11.90
CA ILE A 7 -9.86 11.86 -10.44
C ILE A 7 -10.13 10.44 -10.01
N VAL A 8 -9.14 9.79 -9.38
CA VAL A 8 -9.40 8.41 -8.86
C VAL A 8 -9.59 8.65 -7.36
N TYR A 9 -10.78 8.34 -6.88
CA TYR A 9 -11.23 8.76 -5.58
C TYR A 9 -11.56 7.55 -4.74
N ALA A 10 -11.04 7.52 -3.51
CA ALA A 10 -11.15 6.33 -2.70
C ALA A 10 -11.67 6.75 -1.34
N HIS A 11 -12.96 6.95 -1.23
CA HIS A 11 -13.55 7.14 0.13
C HIS A 11 -14.95 6.60 0.11
N GLN A 12 -15.39 5.93 1.21
CA GLN A 12 -16.66 5.27 1.27
C GLN A 12 -17.88 6.21 1.37
N GLU A 13 -17.62 7.39 1.93
CA GLU A 13 -18.69 8.34 2.36
C GLU A 13 -18.65 9.64 1.53
N PRO A 14 -19.70 9.85 0.73
CA PRO A 14 -19.84 11.11 -0.09
C PRO A 14 -19.81 12.40 0.75
N LYS A 15 -20.25 12.32 2.02
CA LYS A 15 -20.26 13.50 2.96
C LYS A 15 -18.97 13.76 3.68
N SER A 16 -17.94 12.96 3.36
CA SER A 16 -16.70 13.10 4.04
C SER A 16 -15.93 14.29 3.56
N PHE A 17 -14.86 14.61 4.27
CA PHE A 17 -13.90 15.64 3.89
C PHE A 17 -13.27 15.28 2.58
N ASN A 18 -12.92 13.97 2.41
CA ASN A 18 -12.45 13.52 1.07
C ASN A 18 -13.48 13.80 -0.01
N GLY A 19 -14.75 13.47 0.28
CA GLY A 19 -15.90 13.68 -0.66
C GLY A 19 -15.99 15.15 -1.06
N SER A 20 -15.81 16.06 -0.11
CA SER A 20 -15.89 17.47 -0.46
C SER A 20 -14.73 17.91 -1.26
N LEU A 21 -13.51 17.40 -0.96
CA LEU A 21 -12.36 17.75 -1.79
C LEU A 21 -12.55 17.25 -3.22
N LYS A 22 -13.10 16.04 -3.39
CA LYS A 22 -13.35 15.52 -4.74
C LYS A 22 -14.36 16.43 -5.44
N ASN A 23 -15.37 16.83 -4.68
CA ASN A 23 -16.51 17.58 -5.26
C ASN A 23 -16.12 18.98 -5.65
N VAL A 24 -15.30 19.69 -4.83
CA VAL A 24 -14.70 20.97 -5.31
C VAL A 24 -13.74 20.83 -6.49
N ALA A 25 -12.94 19.75 -6.56
CA ALA A 25 -12.16 19.55 -7.74
C ALA A 25 -13.06 19.43 -8.98
N VAL A 26 -14.07 18.56 -8.92
CA VAL A 26 -15.03 18.44 -10.07
C VAL A 26 -15.59 19.84 -10.38
N ASP A 27 -16.06 20.54 -9.35
CA ASP A 27 -16.78 21.85 -9.61
C ASP A 27 -15.81 22.82 -10.27
N GLU A 28 -14.61 22.95 -9.71
CA GLU A 28 -13.67 23.97 -10.21
C GLU A 28 -13.06 23.63 -11.55
N LEU A 29 -12.76 22.34 -11.77
CA LEU A 29 -12.14 21.98 -13.03
C LEU A 29 -13.24 22.03 -14.10
N SER A 30 -14.47 21.70 -13.73
CA SER A 30 -15.66 21.76 -14.68
C SER A 30 -15.91 23.26 -15.08
N ARG A 31 -15.80 24.15 -14.08
CA ARG A 31 -15.94 25.59 -14.33
C ARG A 31 -14.91 26.18 -15.26
N GLN A 32 -13.67 25.69 -15.21
CA GLN A 32 -12.63 26.12 -16.11
C GLN A 32 -12.80 25.63 -17.53
N GLY A 33 -13.71 24.69 -17.79
CA GLY A 33 -13.92 24.13 -19.13
C GLY A 33 -13.23 22.80 -19.33
N CYS A 34 -12.53 22.29 -18.29
CA CYS A 34 -11.81 21.03 -18.44
C CYS A 34 -12.78 19.83 -18.60
N THR A 35 -12.31 18.75 -19.23
CA THR A 35 -13.09 17.50 -19.32
C THR A 35 -12.71 16.72 -18.06
N VAL A 36 -13.71 16.29 -17.29
CA VAL A 36 -13.44 15.66 -16.01
C VAL A 36 -14.17 14.32 -15.95
N THR A 37 -13.44 13.32 -15.46
CA THR A 37 -14.01 12.02 -15.19
C THR A 37 -13.56 11.60 -13.79
N VAL A 38 -14.43 10.85 -13.08
CA VAL A 38 -14.12 10.46 -11.68
C VAL A 38 -14.26 8.93 -11.63
N SER A 39 -13.28 8.26 -11.07
CA SER A 39 -13.38 6.80 -10.79
C SER A 39 -13.64 6.70 -9.32
N ASP A 40 -14.91 6.49 -8.92
CA ASP A 40 -15.24 6.44 -7.48
C ASP A 40 -15.10 4.95 -7.12
N LEU A 41 -13.89 4.60 -6.65
CA LEU A 41 -13.58 3.15 -6.53
C LEU A 41 -14.57 2.41 -5.63
N TYR A 42 -14.99 2.95 -4.49
CA TYR A 42 -15.81 2.12 -3.65
C TYR A 42 -17.22 1.96 -4.25
N ALA A 43 -17.70 3.02 -4.88
CA ALA A 43 -19.01 2.92 -5.60
C ALA A 43 -18.97 1.94 -6.75
N MET A 44 -17.82 1.76 -7.37
CA MET A 44 -17.66 0.87 -8.50
C MET A 44 -17.44 -0.59 -7.96
N ASN A 45 -17.32 -0.75 -6.63
CA ASN A 45 -16.83 -1.98 -5.98
C ASN A 45 -15.57 -2.51 -6.67
N PHE A 46 -14.64 -1.58 -6.94
CA PHE A 46 -13.47 -1.84 -7.77
C PHE A 46 -12.72 -3.04 -7.14
N GLU A 47 -12.39 -4.02 -8.00
CA GLU A 47 -11.65 -5.20 -7.55
C GLU A 47 -10.18 -4.88 -7.19
N PRO A 48 -9.71 -5.14 -5.95
CA PRO A 48 -8.29 -4.80 -5.63
C PRO A 48 -7.30 -5.93 -5.87
N ARG A 49 -7.79 -7.17 -5.91
CA ARG A 49 -6.83 -8.27 -5.93
C ARG A 49 -6.25 -8.55 -7.32
N ALA A 50 -4.92 -8.76 -7.39
CA ALA A 50 -4.19 -9.14 -8.61
C ALA A 50 -4.38 -10.65 -8.81
N THR A 51 -5.30 -11.06 -9.72
CA THR A 51 -5.50 -12.51 -9.87
C THR A 51 -5.58 -12.92 -11.34
N ASP A 52 -5.65 -14.24 -11.56
CA ASP A 52 -5.81 -14.74 -12.94
C ASP A 52 -7.11 -14.40 -13.63
N LYS A 53 -8.13 -13.92 -12.88
CA LYS A 53 -9.31 -13.38 -13.49
C LYS A 53 -9.06 -12.11 -14.28
N ASP A 54 -7.88 -11.51 -14.14
CA ASP A 54 -7.58 -10.22 -14.80
C ASP A 54 -7.28 -10.44 -16.25
N ILE A 55 -7.09 -11.74 -16.59
CA ILE A 55 -6.83 -12.19 -17.97
C ILE A 55 -7.98 -12.98 -18.52
N THR A 56 -8.43 -12.57 -19.71
CA THR A 56 -9.58 -13.29 -20.30
C THR A 56 -9.02 -14.26 -21.35
N GLY A 57 -9.83 -15.28 -21.67
CA GLY A 57 -9.36 -16.34 -22.60
C GLY A 57 -8.24 -17.11 -21.90
N THR A 58 -7.17 -17.43 -22.61
CA THR A 58 -6.24 -18.42 -22.04
C THR A 58 -4.86 -17.86 -21.74
N LEU A 59 -4.28 -18.37 -20.67
CA LEU A 59 -3.02 -17.89 -20.17
C LEU A 59 -1.79 -18.23 -20.97
N SER A 60 -0.82 -17.34 -20.91
CA SER A 60 0.44 -17.52 -21.61
C SER A 60 1.19 -18.74 -21.03
N ASN A 61 1.11 -18.97 -19.71
CA ASN A 61 1.69 -20.17 -19.06
C ASN A 61 0.76 -20.70 -17.96
N PRO A 62 -0.21 -21.55 -18.31
CA PRO A 62 -1.16 -22.01 -17.29
C PRO A 62 -0.62 -23.10 -16.35
N GLU A 63 0.69 -23.40 -16.41
CA GLU A 63 1.30 -24.29 -15.39
C GLU A 63 1.78 -23.54 -14.14
N VAL A 64 2.37 -22.35 -14.34
CA VAL A 64 2.87 -21.53 -13.25
C VAL A 64 2.38 -20.08 -13.46
N PHE A 65 1.37 -19.63 -12.69
CA PHE A 65 0.84 -18.23 -12.82
C PHE A 65 1.80 -17.11 -12.38
N ASN A 66 2.22 -16.25 -13.30
CA ASN A 66 3.07 -15.09 -12.98
C ASN A 66 2.22 -13.85 -13.36
N TYR A 67 1.71 -13.13 -12.39
CA TYR A 67 0.79 -12.01 -12.68
C TYR A 67 1.43 -10.99 -13.66
N GLY A 68 2.65 -10.50 -13.38
CA GLY A 68 3.32 -9.48 -14.24
C GLY A 68 3.42 -9.97 -15.71
N VAL A 69 3.92 -11.18 -15.85
CA VAL A 69 4.08 -11.64 -17.28
C VAL A 69 2.73 -11.82 -17.93
N GLU A 70 1.80 -12.43 -17.22
CA GLU A 70 0.48 -12.60 -17.76
C GLU A 70 -0.27 -11.33 -18.13
N THR A 71 -0.16 -10.29 -17.31
CA THR A 71 -0.85 -9.08 -17.66
C THR A 71 -0.13 -8.32 -18.75
N HIS A 72 1.20 -8.43 -18.80
CA HIS A 72 1.95 -7.86 -19.92
C HIS A 72 1.49 -8.47 -21.25
N GLU A 73 1.44 -9.80 -21.33
CA GLU A 73 0.99 -10.54 -22.55
C GLU A 73 -0.44 -10.21 -22.85
N ALA A 74 -1.30 -10.14 -21.82
CA ALA A 74 -2.74 -9.77 -21.97
C ALA A 74 -2.94 -8.36 -22.53
N TYR A 75 -2.14 -7.43 -22.04
CA TYR A 75 -2.19 -6.09 -22.53
C TYR A 75 -1.87 -6.08 -24.07
N LYS A 76 -0.82 -6.77 -24.43
CA LYS A 76 -0.34 -6.81 -25.82
C LYS A 76 -1.36 -7.50 -26.70
N GLN A 77 -2.05 -8.51 -26.17
CA GLN A 77 -3.08 -9.27 -26.94
C GLN A 77 -4.50 -8.80 -26.70
N ARG A 78 -4.70 -7.59 -26.11
CA ARG A 78 -6.05 -7.03 -25.85
C ARG A 78 -6.98 -8.06 -25.14
N SER A 79 -6.41 -8.71 -24.11
CA SER A 79 -7.03 -9.77 -23.37
C SER A 79 -7.16 -9.46 -21.85
N LEU A 80 -7.10 -8.17 -21.46
CA LEU A 80 -7.25 -7.80 -20.00
C LEU A 80 -8.69 -7.72 -19.68
N ALA A 81 -9.12 -7.98 -18.42
CA ALA A 81 -10.51 -7.74 -17.97
C ALA A 81 -10.96 -6.31 -18.26
N SER A 82 -12.26 -6.14 -18.45
CA SER A 82 -12.74 -4.85 -18.93
C SER A 82 -12.68 -3.78 -17.78
N ASP A 83 -12.74 -4.19 -16.51
CA ASP A 83 -12.58 -3.16 -15.48
C ASP A 83 -11.21 -2.49 -15.59
N ILE A 84 -10.17 -3.27 -15.88
CA ILE A 84 -8.86 -2.71 -16.08
C ILE A 84 -8.75 -1.85 -17.30
N THR A 85 -9.21 -2.34 -18.48
CA THR A 85 -9.05 -1.53 -19.69
C THR A 85 -9.91 -0.27 -19.66
N ASP A 86 -11.03 -0.33 -18.94
CA ASP A 86 -11.85 0.86 -18.77
C ASP A 86 -11.01 1.92 -18.08
N GLU A 87 -10.26 1.53 -17.03
CA GLU A 87 -9.45 2.52 -16.31
C GLU A 87 -8.27 2.99 -17.19
N GLN A 88 -7.68 2.08 -17.96
CA GLN A 88 -6.56 2.46 -18.80
C GLN A 88 -7.01 3.48 -19.84
N LYS A 89 -8.23 3.33 -20.37
CA LYS A 89 -8.70 4.32 -21.31
C LYS A 89 -8.80 5.69 -20.65
N LYS A 90 -9.29 5.74 -19.40
CA LYS A 90 -9.41 7.07 -18.74
C LYS A 90 -8.05 7.70 -18.50
N VAL A 91 -7.09 6.85 -18.12
CA VAL A 91 -5.79 7.32 -17.84
C VAL A 91 -5.09 7.77 -19.17
N ARG A 92 -5.23 6.97 -20.20
CA ARG A 92 -4.61 7.31 -21.54
C ARG A 92 -5.10 8.64 -22.01
N GLU A 93 -6.40 8.91 -21.88
CA GLU A 93 -6.95 10.20 -22.32
C GLU A 93 -6.61 11.41 -21.41
N ALA A 94 -6.30 11.15 -20.16
CA ALA A 94 -6.14 12.21 -19.19
C ALA A 94 -4.81 13.00 -19.37
N ASP A 95 -4.87 14.30 -19.14
CA ASP A 95 -3.63 15.10 -19.08
C ASP A 95 -3.12 15.14 -17.67
N LEU A 96 -4.06 15.06 -16.69
CA LEU A 96 -3.71 15.11 -15.27
C LEU A 96 -4.54 14.03 -14.54
N VAL A 97 -3.87 13.31 -13.64
CA VAL A 97 -4.56 12.35 -12.79
C VAL A 97 -4.40 12.79 -11.33
N ILE A 98 -5.53 13.05 -10.65
CA ILE A 98 -5.55 13.39 -9.24
C ILE A 98 -5.99 12.15 -8.51
N PHE A 99 -5.27 11.78 -7.44
CA PHE A 99 -5.71 10.66 -6.52
C PHE A 99 -6.16 11.38 -5.26
N GLN A 100 -7.42 11.06 -4.85
CA GLN A 100 -7.98 11.74 -3.66
C GLN A 100 -8.28 10.62 -2.66
N PHE A 101 -7.59 10.61 -1.54
CA PHE A 101 -7.77 9.51 -0.62
C PHE A 101 -7.28 9.91 0.80
N PRO A 102 -7.88 9.23 1.82
CA PRO A 102 -7.29 9.27 3.19
C PRO A 102 -6.08 8.36 3.29
N LEU A 103 -5.04 8.83 4.00
CA LEU A 103 -3.84 8.02 4.25
C LEU A 103 -4.30 6.85 5.10
N TYR A 104 -3.99 5.62 4.66
CA TYR A 104 -4.20 4.37 5.45
C TYR A 104 -2.83 3.74 5.57
N TRP A 105 -2.38 3.65 6.81
CA TRP A 105 -1.11 2.99 7.11
C TRP A 105 0.03 3.56 6.26
N PHE A 106 0.18 4.91 6.35
CA PHE A 106 1.25 5.64 5.57
C PHE A 106 1.17 5.36 4.05
N SER A 107 -0.04 4.99 3.53
CA SER A 107 -0.10 4.64 2.09
C SER A 107 -1.57 4.88 1.61
N VAL A 108 -1.90 4.35 0.44
CA VAL A 108 -3.26 4.46 -0.07
C VAL A 108 -4.13 3.31 0.53
N PRO A 109 -5.44 3.53 0.70
CA PRO A 109 -6.38 2.44 1.05
C PRO A 109 -6.22 1.29 0.02
N ALA A 110 -6.37 0.07 0.52
CA ALA A 110 -6.14 -1.07 -0.29
C ALA A 110 -6.95 -1.04 -1.65
N ILE A 111 -8.14 -0.46 -1.68
CA ILE A 111 -8.87 -0.51 -2.96
C ILE A 111 -8.08 0.32 -4.01
N LEU A 112 -7.47 1.44 -3.55
CA LEU A 112 -6.68 2.32 -4.46
C LEU A 112 -5.32 1.63 -4.74
N LYS A 113 -4.75 0.99 -3.75
CA LYS A 113 -3.54 0.14 -4.06
C LYS A 113 -3.83 -0.89 -5.19
N GLY A 114 -5.02 -1.48 -5.14
CA GLY A 114 -5.42 -2.49 -6.11
C GLY A 114 -5.61 -1.82 -7.50
N TRP A 115 -6.08 -0.58 -7.56
CA TRP A 115 -6.13 0.11 -8.85
C TRP A 115 -4.69 0.28 -9.40
N MET A 116 -3.74 0.65 -8.52
CA MET A 116 -2.35 0.87 -9.00
C MET A 116 -1.81 -0.50 -9.47
N ASP A 117 -2.08 -1.57 -8.70
CA ASP A 117 -1.45 -2.84 -9.02
C ASP A 117 -1.99 -3.40 -10.35
N ARG A 118 -3.30 -3.17 -10.65
CA ARG A 118 -4.01 -3.93 -11.71
C ARG A 118 -4.08 -3.02 -12.97
N VAL A 119 -4.22 -1.70 -12.76
CA VAL A 119 -4.34 -0.78 -13.96
C VAL A 119 -2.98 -0.44 -14.62
N LEU A 120 -1.95 -0.27 -13.80
CA LEU A 120 -0.65 0.18 -14.32
C LEU A 120 0.23 -0.97 -14.73
N CYS A 121 -0.16 -1.70 -15.79
CA CYS A 121 0.53 -2.92 -16.11
C CYS A 121 1.67 -2.62 -17.12
N GLN A 122 2.59 -3.61 -17.23
CA GLN A 122 3.68 -3.53 -18.20
C GLN A 122 3.09 -3.46 -19.65
N GLY A 123 3.58 -2.51 -20.43
CA GLY A 123 3.12 -2.33 -21.83
C GLY A 123 2.24 -1.12 -21.83
N PHE A 124 1.53 -0.91 -20.70
CA PHE A 124 0.62 0.25 -20.58
C PHE A 124 1.33 1.41 -19.95
N ALA A 125 1.84 1.21 -18.73
CA ALA A 125 2.43 2.24 -17.95
C ALA A 125 3.97 2.32 -17.99
N PHE A 126 4.60 1.19 -18.25
CA PHE A 126 6.05 1.14 -18.27
C PHE A 126 6.46 -0.06 -19.12
N ASP A 127 7.73 -0.09 -19.56
CA ASP A 127 8.26 -1.30 -20.18
C ASP A 127 9.83 -1.26 -20.09
N ILE A 128 10.49 -2.26 -20.71
CA ILE A 128 11.91 -2.19 -21.07
C ILE A 128 11.94 -1.67 -22.55
N PRO A 129 12.38 -0.39 -22.74
CA PRO A 129 12.61 0.44 -21.54
C PRO A 129 11.38 1.33 -21.41
N GLY A 130 11.61 2.47 -20.83
CA GLY A 130 10.49 3.36 -20.61
C GLY A 130 10.05 3.24 -19.18
N PHE A 131 10.83 3.85 -18.32
CA PHE A 131 10.50 3.90 -16.90
C PHE A 131 11.23 5.07 -16.26
N TYR A 132 10.75 5.46 -15.11
CA TYR A 132 11.05 6.72 -14.52
C TYR A 132 10.87 7.84 -15.57
N ASP A 133 11.86 8.73 -15.68
CA ASP A 133 11.84 9.69 -16.80
C ASP A 133 11.24 9.30 -18.13
N SER A 134 11.49 8.08 -18.59
CA SER A 134 10.96 7.65 -19.84
C SER A 134 9.72 6.73 -19.70
N GLY A 135 9.06 6.73 -18.53
CA GLY A 135 7.92 5.82 -18.35
C GLY A 135 6.85 6.10 -19.39
N LEU A 136 5.96 5.14 -19.64
CA LEU A 136 5.07 5.27 -20.80
C LEU A 136 4.03 6.35 -20.68
N LEU A 137 3.79 6.85 -19.46
CA LEU A 137 2.81 7.92 -19.24
C LEU A 137 3.46 9.32 -19.23
N GLN A 138 4.66 9.45 -19.83
CA GLN A 138 5.36 10.73 -19.68
C GLN A 138 4.54 11.73 -20.44
N GLY A 139 4.53 12.96 -19.97
CA GLY A 139 3.74 14.01 -20.66
C GLY A 139 2.52 14.26 -19.79
N LYS A 140 2.14 13.26 -18.98
CA LYS A 140 0.97 13.38 -18.09
C LYS A 140 1.42 13.88 -16.77
N LEU A 141 0.52 14.54 -16.07
CA LEU A 141 0.73 15.06 -14.72
C LEU A 141 -0.01 14.18 -13.71
N ALA A 142 0.56 14.02 -12.54
CA ALA A 142 -0.19 13.31 -11.49
C ALA A 142 -0.05 14.07 -10.19
N LEU A 143 -1.03 13.95 -9.30
CA LEU A 143 -1.08 14.69 -8.10
C LEU A 143 -1.71 13.88 -7.00
N LEU A 144 -1.04 13.71 -5.85
CA LEU A 144 -1.66 13.08 -4.69
C LEU A 144 -2.33 14.11 -3.77
N SER A 145 -3.67 13.99 -3.56
CA SER A 145 -4.42 14.79 -2.57
C SER A 145 -4.80 13.88 -1.44
N VAL A 146 -4.06 14.00 -0.34
CA VAL A 146 -4.12 13.07 0.75
C VAL A 146 -4.64 13.83 1.91
N THR A 147 -5.50 13.19 2.70
CA THR A 147 -5.94 13.65 4.01
C THR A 147 -5.28 12.72 5.06
N THR A 148 -5.09 13.22 6.29
CA THR A 148 -4.34 12.45 7.31
C THR A 148 -5.10 12.51 8.61
N GLY A 149 -4.91 11.52 9.51
CA GLY A 149 -5.34 11.62 10.88
C GLY A 149 -4.33 12.47 11.73
N GLY A 150 -3.04 12.36 11.43
CA GLY A 150 -1.91 13.12 12.05
C GLY A 150 -1.74 14.61 11.66
N THR A 151 -1.27 15.44 12.60
CA THR A 151 -1.16 16.86 12.36
C THR A 151 0.12 17.09 11.65
N ALA A 152 0.25 18.29 11.08
CA ALA A 152 1.46 18.62 10.40
C ALA A 152 2.74 18.45 11.23
N GLU A 153 2.66 18.66 12.55
CA GLU A 153 3.93 18.59 13.38
C GLU A 153 4.37 17.15 13.63
N MET A 154 3.41 16.24 13.59
CA MET A 154 3.70 14.80 13.77
C MET A 154 4.45 14.36 12.53
N TYR A 155 4.11 15.00 11.39
CA TYR A 155 4.78 14.74 10.14
C TYR A 155 6.05 15.62 9.87
N THR A 156 6.97 15.65 10.83
CA THR A 156 8.26 16.31 10.65
C THR A 156 9.39 15.33 10.81
N LYS A 157 10.57 15.69 10.31
CA LYS A 157 11.71 14.74 10.29
C LYS A 157 11.91 14.13 11.68
N THR A 158 11.75 14.98 12.70
CA THR A 158 12.04 14.52 14.06
C THR A 158 10.79 14.29 14.89
N GLY A 159 9.61 14.53 14.30
CA GLY A 159 8.33 14.16 14.90
C GLY A 159 8.08 12.63 14.84
N VAL A 160 7.03 12.19 15.53
CA VAL A 160 6.73 10.75 15.69
C VAL A 160 6.49 10.01 14.36
N ASN A 161 5.91 10.71 13.38
CA ASN A 161 5.57 10.09 12.07
C ASN A 161 6.64 10.23 11.00
N GLY A 162 7.70 11.02 11.30
CA GLY A 162 8.67 11.39 10.30
C GLY A 162 8.04 12.42 9.33
N ASP A 163 8.84 12.85 8.36
CA ASP A 163 8.44 13.88 7.40
C ASP A 163 7.34 13.26 6.51
N SER A 164 6.33 14.04 6.11
CA SER A 164 5.37 13.56 5.04
C SER A 164 6.05 13.03 3.83
N ARG A 165 7.15 13.66 3.39
CA ARG A 165 7.77 13.22 2.18
C ARG A 165 8.23 11.78 2.24
N TYR A 166 8.51 11.31 3.46
CA TYR A 166 9.04 9.97 3.65
C TYR A 166 7.92 8.97 3.27
N PHE A 167 6.66 9.23 3.63
CA PHE A 167 5.62 8.24 3.17
C PHE A 167 5.27 8.41 1.71
N LEU A 168 5.56 9.59 1.15
CA LEU A 168 5.33 9.80 -0.30
C LEU A 168 6.16 9.03 -1.25
N TRP A 169 7.34 8.57 -0.80
CA TRP A 169 8.29 7.98 -1.72
C TRP A 169 7.76 6.82 -2.57
N PRO A 170 7.17 5.78 -1.94
CA PRO A 170 6.67 4.68 -2.72
C PRO A 170 5.58 5.11 -3.68
N LEU A 171 4.74 6.09 -3.30
CA LEU A 171 3.62 6.48 -4.23
C LEU A 171 4.16 7.41 -5.35
N GLN A 172 4.83 8.48 -4.94
CA GLN A 172 5.33 9.43 -5.94
C GLN A 172 6.47 8.90 -6.74
N HIS A 173 7.47 8.26 -6.07
CA HIS A 173 8.62 7.88 -6.82
C HIS A 173 8.46 6.49 -7.34
N GLY A 174 8.18 5.55 -6.46
CA GLY A 174 8.10 4.19 -6.85
C GLY A 174 6.92 3.87 -7.80
N THR A 175 5.87 4.68 -7.79
CA THR A 175 4.72 4.39 -8.67
C THR A 175 4.58 5.47 -9.76
N LEU A 176 4.26 6.69 -9.39
CA LEU A 176 3.90 7.72 -10.43
C LEU A 176 5.13 8.08 -11.32
N HIS A 177 6.23 8.44 -10.70
CA HIS A 177 7.51 8.64 -11.50
C HIS A 177 7.92 7.44 -12.29
N PHE A 178 7.83 6.26 -11.72
CA PHE A 178 8.23 5.13 -12.44
C PHE A 178 7.46 5.01 -13.74
N CYS A 179 6.15 5.31 -13.68
CA CYS A 179 5.37 5.27 -14.91
C CYS A 179 5.60 6.50 -15.83
N GLY A 180 6.44 7.44 -15.45
CA GLY A 180 6.67 8.54 -16.41
C GLY A 180 5.92 9.79 -16.09
N PHE A 181 5.03 9.77 -15.10
CA PHE A 181 4.35 10.99 -14.70
C PHE A 181 5.30 12.06 -14.22
N LYS A 182 4.96 13.31 -14.53
CA LYS A 182 5.53 14.40 -13.81
C LYS A 182 4.65 14.62 -12.63
N VAL A 183 5.25 14.69 -11.47
CA VAL A 183 4.48 14.75 -10.22
C VAL A 183 4.30 16.14 -9.73
N LEU A 184 3.07 16.61 -9.70
CA LEU A 184 2.80 17.87 -9.03
C LEU A 184 2.94 17.78 -7.52
N ALA A 185 3.24 18.91 -6.87
CA ALA A 185 3.37 18.89 -5.40
C ALA A 185 2.14 18.28 -4.78
N PRO A 186 2.32 17.45 -3.76
CA PRO A 186 1.13 16.85 -3.19
C PRO A 186 0.29 17.84 -2.48
N GLN A 187 -0.99 17.55 -2.40
CA GLN A 187 -1.88 18.37 -1.63
C GLN A 187 -2.09 17.63 -0.35
N ILE A 188 -1.55 18.11 0.78
CA ILE A 188 -1.80 17.36 2.01
C ILE A 188 -2.69 18.10 2.93
N SER A 189 -3.85 17.55 3.19
CA SER A 189 -4.78 18.16 4.09
C SER A 189 -4.64 17.51 5.44
N PHE A 190 -3.82 18.14 6.29
CA PHE A 190 -3.52 17.59 7.62
C PHE A 190 -4.65 17.59 8.57
N ALA A 191 -5.01 16.41 9.04
CA ALA A 191 -5.90 16.22 10.17
C ALA A 191 -7.13 17.08 10.13
N PRO A 192 -7.97 16.93 9.09
CA PRO A 192 -9.25 17.60 8.97
C PRO A 192 -10.19 17.28 10.12
N GLU A 193 -10.21 16.06 10.68
CA GLU A 193 -11.23 15.70 11.72
C GLU A 193 -11.07 16.41 13.09
N ILE A 194 -9.88 16.95 13.39
CA ILE A 194 -9.64 17.66 14.64
C ILE A 194 -9.60 19.19 14.39
N ALA A 195 -9.70 19.60 13.12
CA ALA A 195 -9.69 21.01 12.74
C ALA A 195 -11.08 21.56 12.99
N SER A 196 -11.19 22.91 13.04
CA SER A 196 -12.51 23.58 13.19
C SER A 196 -13.39 23.46 11.92
N GLU A 197 -14.69 23.73 12.04
CA GLU A 197 -15.57 23.99 10.88
C GLU A 197 -14.98 25.00 9.87
N GLU A 198 -14.49 26.13 10.37
CA GLU A 198 -13.45 26.91 9.66
C GLU A 198 -12.15 26.07 9.59
N GLU A 199 -10.99 26.63 9.27
CA GLU A 199 -9.76 25.80 9.05
C GLU A 199 -10.01 24.72 7.96
N ARG A 200 -11.02 23.87 8.18
CA ARG A 200 -11.50 22.93 7.20
C ARG A 200 -11.92 23.63 5.89
N LYS A 201 -12.74 24.68 6.04
CA LYS A 201 -13.08 25.56 4.92
C LYS A 201 -11.84 26.11 4.27
N GLY A 202 -10.87 26.56 5.06
CA GLY A 202 -9.63 27.12 4.51
C GLY A 202 -8.86 26.07 3.74
N MET A 203 -8.85 24.86 4.25
CA MET A 203 -8.23 23.75 3.52
C MET A 203 -8.92 23.42 2.18
N VAL A 204 -10.23 23.28 2.22
CA VAL A 204 -11.01 23.04 1.02
C VAL A 204 -10.85 24.22 0.06
N ALA A 205 -10.91 25.45 0.58
CA ALA A 205 -10.96 26.57 -0.29
C ALA A 205 -9.60 26.70 -0.87
N ALA A 206 -8.51 26.36 -0.15
CA ALA A 206 -7.14 26.41 -0.68
C ALA A 206 -6.92 25.43 -1.84
N TRP A 207 -7.54 24.26 -1.70
CA TRP A 207 -7.53 23.25 -2.71
C TRP A 207 -8.26 23.81 -3.96
N SER A 208 -9.45 24.34 -3.73
CA SER A 208 -10.26 24.90 -4.86
C SER A 208 -9.40 26.01 -5.50
N GLN A 209 -8.89 26.93 -4.67
CA GLN A 209 -7.91 27.94 -5.10
C GLN A 209 -6.71 27.44 -5.82
N ARG A 210 -6.03 26.42 -5.28
CA ARG A 210 -4.90 25.91 -6.00
C ARG A 210 -5.32 25.39 -7.40
N LEU A 211 -6.45 24.69 -7.48
CA LEU A 211 -6.92 24.18 -8.77
C LEU A 211 -7.12 25.24 -9.88
N GLN A 212 -7.51 26.44 -9.50
CA GLN A 212 -7.49 27.61 -10.38
C GLN A 212 -6.26 27.75 -11.24
N THR A 213 -5.05 27.52 -10.67
CA THR A 213 -3.82 27.66 -11.44
C THR A 213 -2.96 26.38 -11.55
N ILE A 214 -3.62 25.22 -11.60
CA ILE A 214 -2.90 24.01 -11.63
C ILE A 214 -2.09 23.82 -12.93
N TRP A 215 -2.53 24.42 -14.06
CA TRP A 215 -1.85 24.26 -15.30
C TRP A 215 -0.59 25.12 -15.38
N LYS A 216 -0.44 26.07 -14.48
CA LYS A 216 0.79 26.91 -14.49
C LYS A 216 1.90 26.27 -13.62
N GLU A 217 1.53 25.33 -12.75
CA GLU A 217 2.53 24.61 -11.93
C GLU A 217 3.64 23.86 -12.66
N GLU A 218 4.82 23.90 -12.05
CA GLU A 218 5.93 23.02 -12.43
C GLU A 218 5.93 21.79 -11.49
N PRO A 219 6.24 20.62 -12.03
CA PRO A 219 6.39 19.39 -11.23
C PRO A 219 7.59 19.41 -10.29
N ILE A 220 7.51 18.65 -9.19
CA ILE A 220 8.56 18.52 -8.22
C ILE A 220 9.70 17.74 -8.85
N PRO A 221 10.96 17.96 -8.38
CA PRO A 221 12.01 17.08 -8.94
C PRO A 221 11.86 15.77 -8.11
N CYS A 222 11.48 14.67 -8.75
CA CYS A 222 10.96 13.55 -7.94
C CYS A 222 12.17 12.70 -7.60
N THR A 223 12.93 13.11 -6.60
CA THR A 223 14.23 12.45 -6.43
C THR A 223 14.38 11.98 -4.99
N ALA A 224 15.38 11.14 -4.74
CA ALA A 224 15.67 10.78 -3.33
C ALA A 224 15.95 12.05 -2.49
N HIS A 225 16.65 13.01 -3.11
CA HIS A 225 16.99 14.26 -2.43
C HIS A 225 15.76 15.06 -2.00
N TRP A 226 14.79 15.21 -2.92
CA TRP A 226 13.56 15.87 -2.56
C TRP A 226 12.89 15.20 -1.37
N HIS A 227 12.81 13.86 -1.37
CA HIS A 227 12.03 13.19 -0.30
C HIS A 227 12.78 13.06 1.03
N PHE A 228 14.10 12.92 0.94
CA PHE A 228 14.86 12.57 2.13
C PHE A 228 15.90 13.58 2.58
N GLY A 229 16.44 14.36 1.64
CA GLY A 229 17.52 15.36 1.96
C GLY A 229 17.08 16.54 2.83
N GLN A 230 17.96 17.55 2.97
CA GLN A 230 17.54 18.85 3.55
C GLN A 230 17.41 19.96 2.47
N ALA B 1 11.40 -23.74 19.86
CA ALA B 1 10.96 -23.49 21.28
C ALA B 1 9.42 -23.37 21.24
N GLY B 2 8.78 -23.29 22.45
CA GLY B 2 7.31 -23.07 22.70
C GLY B 2 6.85 -21.66 22.25
N LYS B 3 6.77 -21.48 20.94
CA LYS B 3 6.40 -20.20 20.36
C LYS B 3 5.40 -20.45 19.25
N LYS B 4 4.58 -19.41 19.00
CA LYS B 4 3.59 -19.49 17.95
C LYS B 4 3.98 -18.49 16.87
N VAL B 5 3.90 -18.92 15.61
CA VAL B 5 4.19 -18.07 14.45
C VAL B 5 2.95 -18.01 13.54
N LEU B 6 2.63 -16.80 13.05
CA LEU B 6 1.64 -16.59 12.00
C LEU B 6 2.43 -16.09 10.77
N ILE B 7 2.21 -16.75 9.64
CA ILE B 7 2.77 -16.25 8.38
C ILE B 7 1.61 -15.73 7.57
N VAL B 8 1.65 -14.45 7.22
CA VAL B 8 0.61 -13.85 6.41
C VAL B 8 1.24 -13.79 4.98
N TYR B 9 0.63 -14.52 4.08
CA TYR B 9 1.28 -14.87 2.80
C TYR B 9 0.46 -14.36 1.66
N ALA B 10 1.09 -13.63 0.73
CA ALA B 10 0.33 -12.96 -0.34
C ALA B 10 0.96 -13.29 -1.70
N HIS B 11 0.72 -14.48 -2.22
CA HIS B 11 1.13 -14.78 -3.59
C HIS B 11 0.11 -15.75 -4.21
N GLN B 12 -0.13 -15.60 -5.52
CA GLN B 12 -1.17 -16.34 -6.23
C GLN B 12 -0.74 -17.79 -6.53
N GLU B 13 0.56 -18.01 -6.58
CA GLU B 13 1.10 -19.24 -7.21
C GLU B 13 1.88 -20.08 -6.23
N PRO B 14 1.34 -21.25 -5.91
CA PRO B 14 2.11 -22.05 -4.93
C PRO B 14 3.51 -22.46 -5.40
N LYS B 15 3.73 -22.53 -6.72
CA LYS B 15 5.07 -22.91 -7.13
C LYS B 15 6.02 -21.75 -7.21
N SER B 16 5.60 -20.55 -6.78
CA SER B 16 6.44 -19.38 -6.93
C SER B 16 7.62 -19.37 -5.96
N PHE B 17 8.55 -18.48 -6.18
CA PHE B 17 9.66 -18.27 -5.27
C PHE B 17 9.12 -17.82 -3.86
N ASN B 18 8.07 -16.99 -3.84
CA ASN B 18 7.40 -16.68 -2.53
C ASN B 18 6.84 -17.91 -1.89
N GLY B 19 6.22 -18.78 -2.70
CA GLY B 19 5.62 -20.05 -2.22
C GLY B 19 6.75 -20.87 -1.55
N SER B 20 7.90 -20.97 -2.21
CA SER B 20 9.11 -21.66 -1.61
C SER B 20 9.58 -21.07 -0.30
N LEU B 21 9.57 -19.75 -0.16
CA LEU B 21 10.06 -19.08 1.06
C LEU B 21 9.02 -19.36 2.15
N LYS B 22 7.74 -19.30 1.79
CA LYS B 22 6.69 -19.56 2.80
C LYS B 22 6.84 -21.05 3.25
N ASN B 23 7.02 -21.99 2.32
CA ASN B 23 7.06 -23.38 2.75
C ASN B 23 8.31 -23.71 3.51
N VAL B 24 9.46 -23.11 3.13
CA VAL B 24 10.65 -23.35 3.95
C VAL B 24 10.46 -22.83 5.34
N ALA B 25 9.80 -21.68 5.49
CA ALA B 25 9.51 -21.20 6.84
C ALA B 25 8.66 -22.16 7.64
N VAL B 26 7.61 -22.65 7.01
CA VAL B 26 6.71 -23.59 7.70
C VAL B 26 7.57 -24.86 8.06
N ASP B 27 8.37 -25.36 7.12
CA ASP B 27 9.17 -26.61 7.40
C ASP B 27 10.15 -26.37 8.58
N GLU B 28 10.88 -25.26 8.55
CA GLU B 28 11.93 -24.98 9.60
C GLU B 28 11.33 -24.67 10.97
N LEU B 29 10.28 -23.86 11.00
CA LEU B 29 9.63 -23.54 12.25
C LEU B 29 8.96 -24.79 12.82
N SER B 30 8.37 -25.62 11.97
CA SER B 30 7.67 -26.82 12.42
C SER B 30 8.75 -27.77 12.94
N ARG B 31 9.87 -27.85 12.21
CA ARG B 31 11.01 -28.67 12.72
C ARG B 31 11.47 -28.26 14.06
N GLN B 32 11.46 -26.97 14.39
CA GLN B 32 11.93 -26.58 15.71
C GLN B 32 10.89 -26.90 16.78
N GLY B 33 9.69 -27.28 16.38
CA GLY B 33 8.62 -27.58 17.38
C GLY B 33 7.76 -26.33 17.61
N CYS B 34 7.91 -25.28 16.78
CA CYS B 34 7.00 -24.11 16.93
C CYS B 34 5.59 -24.46 16.42
N THR B 35 4.61 -23.69 16.88
CA THR B 35 3.22 -23.81 16.43
C THR B 35 3.13 -22.84 15.23
N VAL B 36 2.61 -23.28 14.10
CA VAL B 36 2.69 -22.46 12.88
C VAL B 36 1.30 -22.36 12.25
N THR B 37 0.91 -21.15 11.87
CA THR B 37 -0.35 -20.91 11.12
C THR B 37 0.02 -20.05 9.92
N VAL B 38 -0.64 -20.31 8.81
CA VAL B 38 -0.46 -19.50 7.61
C VAL B 38 -1.79 -18.98 7.15
N SER B 39 -1.85 -17.68 6.87
CA SER B 39 -3.03 -17.09 6.26
C SER B 39 -2.68 -16.87 4.81
N ASP B 40 -3.19 -17.75 3.90
CA ASP B 40 -2.79 -17.63 2.50
C ASP B 40 -3.87 -16.74 1.87
N LEU B 41 -3.58 -15.45 1.75
CA LEU B 41 -4.66 -14.53 1.48
C LEU B 41 -5.39 -14.80 0.16
N TYR B 42 -4.65 -15.09 -0.91
CA TYR B 42 -5.35 -15.27 -2.22
C TYR B 42 -6.21 -16.51 -2.14
N ALA B 43 -5.75 -17.54 -1.46
CA ALA B 43 -6.51 -18.81 -1.48
C ALA B 43 -7.74 -18.64 -0.63
N MET B 44 -7.65 -17.79 0.39
CA MET B 44 -8.79 -17.44 1.21
C MET B 44 -9.72 -16.43 0.47
N ASN B 45 -9.31 -15.91 -0.71
CA ASN B 45 -10.04 -14.80 -1.37
C ASN B 45 -10.31 -13.62 -0.37
N PHE B 46 -9.27 -13.30 0.43
CA PHE B 46 -9.40 -12.35 1.54
C PHE B 46 -9.89 -11.00 0.98
N GLU B 47 -10.90 -10.44 1.65
CA GLU B 47 -11.57 -9.19 1.19
C GLU B 47 -10.59 -8.02 1.55
N PRO B 48 -10.11 -7.26 0.55
CA PRO B 48 -9.19 -6.12 0.90
C PRO B 48 -9.90 -4.82 1.17
N ARG B 49 -11.15 -4.64 0.72
CA ARG B 49 -11.76 -3.30 0.86
C ARG B 49 -12.34 -3.00 2.23
N ALA B 50 -12.07 -1.81 2.71
CA ALA B 50 -12.58 -1.31 3.96
C ALA B 50 -13.99 -0.72 3.70
N THR B 51 -15.01 -1.45 4.11
CA THR B 51 -16.38 -1.00 3.71
C THR B 51 -17.29 -1.18 4.93
N ASP B 52 -18.51 -0.67 4.81
CA ASP B 52 -19.48 -0.84 5.88
C ASP B 52 -20.00 -2.26 6.07
N LYS B 53 -19.66 -3.16 5.17
CA LYS B 53 -19.91 -4.61 5.37
C LYS B 53 -19.04 -5.18 6.48
N ASP B 54 -18.01 -4.45 6.95
CA ASP B 54 -17.15 -4.99 7.97
C ASP B 54 -17.75 -4.79 9.33
N ILE B 55 -18.91 -4.12 9.37
CA ILE B 55 -19.58 -3.94 10.65
C ILE B 55 -20.98 -4.48 10.53
N THR B 56 -21.39 -5.33 11.47
CA THR B 56 -22.74 -5.92 11.32
C THR B 56 -23.77 -5.37 12.38
N GLY B 57 -23.31 -4.57 13.34
CA GLY B 57 -24.21 -3.99 14.41
C GLY B 57 -24.83 -2.69 13.90
N THR B 58 -25.65 -2.08 14.73
CA THR B 58 -26.12 -0.74 14.53
C THR B 58 -24.92 0.19 14.42
N LEU B 59 -24.88 1.03 13.42
CA LEU B 59 -23.72 1.92 13.30
C LEU B 59 -23.79 3.05 14.30
N SER B 60 -22.65 3.54 14.79
CA SER B 60 -22.62 4.71 15.65
C SER B 60 -23.19 5.92 15.01
N ASN B 61 -22.96 6.09 13.71
CA ASN B 61 -23.46 7.24 13.00
C ASN B 61 -23.88 6.81 11.64
N PRO B 62 -25.14 6.45 11.49
CA PRO B 62 -25.44 5.89 10.17
C PRO B 62 -25.69 7.01 9.13
N GLU B 63 -25.74 8.28 9.55
CA GLU B 63 -25.88 9.41 8.59
C GLU B 63 -24.52 9.62 7.76
N VAL B 64 -23.36 9.41 8.41
CA VAL B 64 -22.06 9.79 7.84
C VAL B 64 -21.08 8.66 8.29
N PHE B 65 -20.75 7.78 7.36
CA PHE B 65 -19.97 6.58 7.65
C PHE B 65 -18.51 6.94 7.77
N ASN B 66 -17.87 6.60 8.91
CA ASN B 66 -16.47 6.89 9.20
C ASN B 66 -15.85 5.50 9.57
N TYR B 67 -15.10 4.91 8.63
CA TYR B 67 -14.64 3.53 8.82
C TYR B 67 -13.88 3.30 10.15
N GLY B 68 -12.96 4.19 10.50
CA GLY B 68 -12.12 4.07 11.75
C GLY B 68 -13.04 4.09 12.99
N VAL B 69 -13.98 5.06 13.01
CA VAL B 69 -14.94 5.13 14.18
C VAL B 69 -15.80 3.87 14.24
N GLU B 70 -16.38 3.46 13.13
CA GLU B 70 -17.29 2.32 13.16
C GLU B 70 -16.60 0.97 13.48
N THR B 71 -15.41 0.74 12.88
CA THR B 71 -14.69 -0.42 13.26
C THR B 71 -14.17 -0.41 14.68
N HIS B 72 -13.69 0.72 15.19
CA HIS B 72 -13.27 0.79 16.59
C HIS B 72 -14.48 0.38 17.49
N GLU B 73 -15.63 1.02 17.22
N GLU B 73 -15.64 0.96 17.23
CA GLU B 73 -16.86 0.66 17.97
CA GLU B 73 -16.81 0.60 18.07
C GLU B 73 -17.17 -0.80 17.86
C GLU B 73 -17.34 -0.81 17.84
N ALA B 74 -17.23 -1.32 16.62
CA ALA B 74 -17.59 -2.70 16.33
C ALA B 74 -16.64 -3.70 17.02
N TYR B 75 -15.35 -3.35 17.10
CA TYR B 75 -14.40 -4.20 17.82
C TYR B 75 -14.84 -4.30 19.28
N LYS B 76 -15.12 -3.16 19.91
CA LYS B 76 -15.55 -3.19 21.34
C LYS B 76 -16.81 -3.96 21.57
N GLN B 77 -17.73 -3.91 20.61
CA GLN B 77 -19.06 -4.50 20.78
C GLN B 77 -19.13 -5.95 20.34
N ARG B 78 -18.11 -6.37 19.61
CA ARG B 78 -18.04 -7.60 18.85
C ARG B 78 -19.02 -7.70 17.77
N SER B 79 -19.11 -6.67 16.93
CA SER B 79 -19.91 -6.75 15.79
C SER B 79 -19.05 -6.60 14.52
N LEU B 80 -17.75 -6.93 14.59
CA LEU B 80 -16.95 -6.95 13.31
C LEU B 80 -17.23 -8.16 12.49
N ALA B 81 -17.08 -8.08 11.16
CA ALA B 81 -17.22 -9.24 10.32
C ALA B 81 -16.28 -10.33 10.80
N SER B 82 -16.73 -11.58 10.71
CA SER B 82 -15.94 -12.64 11.35
C SER B 82 -14.58 -12.94 10.58
N ASP B 83 -14.45 -12.51 9.33
CA ASP B 83 -13.13 -12.73 8.62
C ASP B 83 -12.05 -11.93 9.31
N ILE B 84 -12.46 -10.80 9.84
CA ILE B 84 -11.53 -9.88 10.50
C ILE B 84 -11.16 -10.43 11.88
N THR B 85 -12.18 -10.87 12.65
CA THR B 85 -11.88 -11.41 13.96
C THR B 85 -11.11 -12.74 13.87
N ASP B 86 -11.33 -13.57 12.86
CA ASP B 86 -10.53 -14.79 12.60
C ASP B 86 -9.03 -14.41 12.48
N GLU B 87 -8.72 -13.32 11.76
CA GLU B 87 -7.31 -12.92 11.71
C GLU B 87 -6.77 -12.35 13.02
N GLN B 88 -7.59 -11.56 13.69
CA GLN B 88 -7.18 -11.01 14.98
C GLN B 88 -6.82 -12.13 15.94
N LYS B 89 -7.59 -13.22 15.85
CA LYS B 89 -7.28 -14.33 16.82
C LYS B 89 -5.89 -14.86 16.53
N LYS B 90 -5.56 -15.05 15.21
CA LYS B 90 -4.24 -15.57 14.83
C LYS B 90 -3.10 -14.63 15.31
N VAL B 91 -3.35 -13.33 15.15
CA VAL B 91 -2.33 -12.35 15.55
C VAL B 91 -2.18 -12.33 17.10
N ARG B 92 -3.30 -12.33 17.81
CA ARG B 92 -3.32 -12.28 19.29
C ARG B 92 -2.52 -13.43 19.86
N GLU B 93 -2.69 -14.59 19.24
CA GLU B 93 -1.96 -15.77 19.75
C GLU B 93 -0.49 -15.81 19.38
N ALA B 94 -0.13 -15.14 18.28
CA ALA B 94 1.23 -15.30 17.73
C ALA B 94 2.28 -14.56 18.58
N ASP B 95 3.46 -15.12 18.66
CA ASP B 95 4.61 -14.42 19.21
C ASP B 95 5.38 -13.72 18.08
N LEU B 96 5.35 -14.25 16.85
CA LEU B 96 6.06 -13.66 15.69
C LEU B 96 5.08 -13.70 14.52
N VAL B 97 4.99 -12.60 13.80
CA VAL B 97 4.17 -12.57 12.56
C VAL B 97 5.12 -12.27 11.49
N ILE B 98 5.16 -13.17 10.49
CA ILE B 98 6.02 -13.00 9.30
C ILE B 98 5.16 -12.67 8.15
N PHE B 99 5.54 -11.63 7.37
CA PHE B 99 4.76 -11.30 6.13
C PHE B 99 5.55 -11.77 4.97
N GLN B 100 4.95 -12.60 4.09
CA GLN B 100 5.72 -13.10 2.96
C GLN B 100 5.08 -12.59 1.71
N PHE B 101 5.78 -11.74 0.98
CA PHE B 101 5.12 -11.21 -0.22
C PHE B 101 6.15 -10.66 -1.23
N PRO B 102 5.74 -10.63 -2.50
CA PRO B 102 6.47 -9.81 -3.52
C PRO B 102 6.18 -8.33 -3.37
N LEU B 103 7.21 -7.50 -3.55
CA LEU B 103 7.07 -6.06 -3.56
C LEU B 103 6.20 -5.66 -4.77
N TYR B 104 5.12 -4.90 -4.49
CA TYR B 104 4.27 -4.34 -5.61
C TYR B 104 4.25 -2.85 -5.43
N TRP B 105 4.79 -2.12 -6.41
CA TRP B 105 4.80 -0.67 -6.32
C TRP B 105 5.42 -0.18 -4.97
N PHE B 106 6.62 -0.70 -4.63
CA PHE B 106 7.35 -0.22 -3.43
C PHE B 106 6.57 -0.50 -2.14
N SER B 107 5.59 -1.46 -2.22
CA SER B 107 4.73 -1.72 -1.05
C SER B 107 4.24 -3.18 -1.07
N VAL B 108 3.20 -3.50 -0.27
CA VAL B 108 2.65 -4.85 -0.29
C VAL B 108 1.58 -4.91 -1.39
N PRO B 109 1.28 -6.10 -1.92
CA PRO B 109 0.14 -6.31 -2.83
C PRO B 109 -1.12 -5.86 -2.12
N ALA B 110 -2.03 -5.29 -2.90
CA ALA B 110 -3.26 -4.77 -2.34
C ALA B 110 -4.02 -5.74 -1.41
N ILE B 111 -4.00 -7.05 -1.70
CA ILE B 111 -4.71 -8.00 -0.85
C ILE B 111 -4.13 -8.00 0.59
N LEU B 112 -2.83 -7.82 0.69
CA LEU B 112 -2.13 -7.73 1.97
C LEU B 112 -2.32 -6.34 2.55
N LYS B 113 -2.31 -5.29 1.71
CA LYS B 113 -2.64 -3.97 2.27
C LYS B 113 -4.03 -4.00 2.94
N GLY B 114 -4.96 -4.76 2.34
CA GLY B 114 -6.31 -4.86 2.84
C GLY B 114 -6.34 -5.58 4.19
N TRP B 115 -5.50 -6.63 4.31
CA TRP B 115 -5.36 -7.33 5.56
C TRP B 115 -4.90 -6.27 6.60
N MET B 116 -3.89 -5.46 6.28
CA MET B 116 -3.46 -4.45 7.29
C MET B 116 -4.62 -3.47 7.59
N ASP B 117 -5.29 -2.99 6.55
CA ASP B 117 -6.24 -1.92 6.85
C ASP B 117 -7.42 -2.44 7.72
N ARG B 118 -7.87 -3.68 7.47
CA ARG B 118 -9.09 -4.17 8.07
C ARG B 118 -8.80 -4.93 9.39
N VAL B 119 -7.64 -5.59 9.46
CA VAL B 119 -7.34 -6.43 10.64
C VAL B 119 -6.78 -5.59 11.79
N LEU B 120 -5.97 -4.57 11.48
CA LEU B 120 -5.29 -3.84 12.60
C LEU B 120 -6.15 -2.68 13.06
N CYS B 121 -7.31 -2.96 13.60
CA CYS B 121 -8.24 -1.86 13.95
C CYS B 121 -7.98 -1.24 15.30
N GLN B 122 -8.54 -0.05 15.51
CA GLN B 122 -8.42 0.62 16.78
C GLN B 122 -9.14 -0.22 17.84
N GLY B 123 -8.49 -0.36 18.99
CA GLY B 123 -9.05 -1.22 20.04
C GLY B 123 -8.30 -2.55 20.07
N PHE B 124 -7.97 -3.03 18.86
CA PHE B 124 -7.26 -4.31 18.78
C PHE B 124 -5.75 -4.10 18.71
N ALA B 125 -5.29 -3.35 17.68
CA ALA B 125 -3.84 -3.22 17.41
C ALA B 125 -3.21 -1.96 18.05
N PHE B 126 -4.04 -0.97 18.31
CA PHE B 126 -3.58 0.31 18.89
C PHE B 126 -4.78 1.02 19.49
N ASP B 127 -4.48 2.00 20.34
CA ASP B 127 -5.53 2.91 20.78
C ASP B 127 -4.93 4.31 20.77
N ILE B 128 -5.79 5.28 21.08
CA ILE B 128 -5.37 6.67 21.12
C ILE B 128 -5.73 7.13 22.55
N PRO B 129 -4.75 7.17 23.44
CA PRO B 129 -3.33 6.85 23.26
C PRO B 129 -3.07 5.34 23.33
N GLY B 130 -1.84 4.90 23.00
CA GLY B 130 -1.51 3.48 22.96
C GLY B 130 -1.05 3.08 21.54
N PHE B 131 0.03 3.71 21.11
CA PHE B 131 0.57 3.46 19.79
C PHE B 131 2.07 3.62 19.80
N TYR B 132 2.75 3.27 18.71
CA TYR B 132 4.20 3.11 18.65
C TYR B 132 4.68 2.23 19.77
N ASP B 133 5.56 2.76 20.67
CA ASP B 133 6.09 1.89 21.73
C ASP B 133 5.03 1.43 22.70
N SER B 134 3.88 2.11 22.71
CA SER B 134 2.74 1.75 23.54
C SER B 134 1.62 1.05 22.78
N GLY B 135 1.91 0.61 21.53
CA GLY B 135 0.91 -0.06 20.73
C GLY B 135 0.42 -1.34 21.38
N LEU B 136 -0.78 -1.82 21.00
CA LEU B 136 -1.40 -2.93 21.74
C LEU B 136 -0.79 -4.27 21.43
N LEU B 137 -0.04 -4.37 20.35
CA LEU B 137 0.64 -5.64 19.99
C LEU B 137 2.10 -5.66 20.55
N GLN B 138 2.39 -4.78 21.53
CA GLN B 138 3.72 -4.84 22.16
C GLN B 138 4.00 -6.22 22.73
N GLY B 139 5.26 -6.57 22.69
CA GLY B 139 5.68 -7.89 23.13
C GLY B 139 5.76 -8.87 21.96
N LYS B 140 5.18 -8.54 20.80
CA LYS B 140 5.22 -9.44 19.62
C LYS B 140 6.28 -9.00 18.69
N LEU B 141 6.78 -9.93 17.90
CA LEU B 141 7.74 -9.68 16.87
C LEU B 141 7.05 -9.70 15.49
N ALA B 142 7.53 -8.86 14.61
CA ALA B 142 7.13 -8.96 13.16
C ALA B 142 8.30 -8.85 12.26
N LEU B 143 8.20 -9.47 11.08
CA LEU B 143 9.32 -9.53 10.16
C LEU B 143 8.78 -9.51 8.72
N LEU B 144 9.29 -8.59 7.84
CA LEU B 144 8.89 -8.59 6.45
C LEU B 144 9.88 -9.42 5.62
N SER B 145 9.37 -10.42 4.92
CA SER B 145 10.15 -11.26 4.06
C SER B 145 9.65 -10.96 2.63
N VAL B 146 10.38 -10.10 1.96
CA VAL B 146 9.92 -9.41 0.76
C VAL B 146 10.78 -9.94 -0.36
N THR B 147 10.20 -10.14 -1.53
CA THR B 147 11.00 -10.46 -2.71
C THR B 147 10.85 -9.24 -3.63
N THR B 148 11.83 -9.01 -4.51
CA THR B 148 11.81 -7.86 -5.46
C THR B 148 12.07 -8.25 -6.88
N GLY B 149 11.60 -7.41 -7.82
CA GLY B 149 12.09 -7.51 -9.21
C GLY B 149 13.52 -6.97 -9.36
N GLY B 150 13.74 -5.82 -8.73
CA GLY B 150 14.97 -5.01 -8.66
C GLY B 150 16.14 -5.75 -7.99
N THR B 151 17.37 -5.48 -8.43
CA THR B 151 18.55 -6.10 -7.74
C THR B 151 18.93 -5.31 -6.52
N ALA B 152 19.85 -5.87 -5.68
CA ALA B 152 20.33 -5.14 -4.54
C ALA B 152 20.96 -3.79 -4.89
N GLU B 153 21.76 -3.79 -5.96
CA GLU B 153 22.44 -2.59 -6.40
C GLU B 153 21.47 -1.46 -6.80
N MET B 154 20.35 -1.89 -7.40
CA MET B 154 19.25 -0.96 -7.74
C MET B 154 18.70 -0.29 -6.52
N TYR B 155 18.60 -1.07 -5.43
CA TYR B 155 18.08 -0.63 -4.19
C TYR B 155 19.18 -0.17 -3.24
N THR B 156 20.02 0.72 -3.74
CA THR B 156 21.01 1.42 -2.89
C THR B 156 20.78 2.91 -3.09
N LYS B 157 21.30 3.71 -2.15
CA LYS B 157 21.13 5.14 -2.14
C LYS B 157 21.41 5.77 -3.54
N THR B 158 22.39 5.22 -4.27
CA THR B 158 22.78 5.80 -5.58
C THR B 158 22.36 4.90 -6.74
N GLY B 159 21.51 3.93 -6.44
CA GLY B 159 20.85 3.12 -7.49
C GLY B 159 19.59 3.88 -7.89
N VAL B 160 18.94 3.43 -8.96
CA VAL B 160 17.75 4.10 -9.50
C VAL B 160 16.56 4.12 -8.54
N ASN B 161 16.46 3.02 -7.76
CA ASN B 161 15.31 2.85 -6.87
C ASN B 161 15.48 3.45 -5.50
N GLY B 162 16.70 3.94 -5.18
CA GLY B 162 16.91 4.37 -3.81
C GLY B 162 17.14 3.13 -2.93
N ASP B 163 17.61 3.42 -1.74
CA ASP B 163 17.97 2.36 -0.82
C ASP B 163 16.70 1.50 -0.50
N SER B 164 16.91 0.19 -0.30
CA SER B 164 15.78 -0.70 0.07
C SER B 164 15.11 -0.21 1.32
N ARG B 165 15.84 0.33 2.31
CA ARG B 165 15.13 0.75 3.54
C ARG B 165 14.11 1.89 3.36
N TYR B 166 14.29 2.69 2.30
CA TYR B 166 13.33 3.71 2.09
C TYR B 166 11.88 3.18 1.97
N PHE B 167 11.69 2.15 1.15
CA PHE B 167 10.32 1.58 0.89
C PHE B 167 9.84 0.77 2.07
N LEU B 168 10.76 0.39 2.98
CA LEU B 168 10.33 -0.26 4.24
C LEU B 168 9.58 0.67 5.24
N TRP B 169 9.72 1.99 5.13
CA TRP B 169 9.28 2.90 6.19
C TRP B 169 7.75 2.86 6.51
N PRO B 170 6.87 2.91 5.50
CA PRO B 170 5.40 2.88 5.74
C PRO B 170 5.03 1.59 6.45
N LEU B 171 5.70 0.51 6.07
CA LEU B 171 5.34 -0.81 6.57
C LEU B 171 5.95 -1.09 7.94
N GLN B 172 7.25 -0.92 8.05
CA GLN B 172 7.85 -1.16 9.37
C GLN B 172 7.49 -0.12 10.42
N HIS B 173 7.53 1.16 10.06
CA HIS B 173 7.33 2.14 11.08
C HIS B 173 5.87 2.52 11.17
N GLY B 174 5.33 2.84 10.00
CA GLY B 174 3.99 3.42 9.97
C GLY B 174 2.93 2.38 10.31
N THR B 175 3.26 1.10 10.15
CA THR B 175 2.24 0.06 10.47
C THR B 175 2.69 -0.80 11.64
N LEU B 176 3.79 -1.53 11.50
CA LEU B 176 4.12 -2.52 12.53
C LEU B 176 4.55 -1.85 13.83
N HIS B 177 5.46 -0.89 13.80
CA HIS B 177 5.88 -0.20 15.03
C HIS B 177 4.75 0.58 15.60
N PHE B 178 3.88 1.15 14.73
CA PHE B 178 2.75 1.89 15.24
C PHE B 178 1.86 1.02 16.16
N CYS B 179 1.69 -0.25 15.77
CA CYS B 179 0.84 -1.22 16.48
C CYS B 179 1.62 -1.79 17.66
N GLY B 180 2.89 -1.40 17.81
CA GLY B 180 3.61 -1.90 18.97
C GLY B 180 4.55 -3.05 18.73
N PHE B 181 4.56 -3.60 17.53
CA PHE B 181 5.48 -4.68 17.25
C PHE B 181 6.92 -4.22 17.44
N LYS B 182 7.76 -5.13 17.88
CA LYS B 182 9.19 -4.96 17.62
C LYS B 182 9.45 -5.57 16.27
N VAL B 183 10.20 -4.89 15.45
CA VAL B 183 10.46 -5.30 14.11
C VAL B 183 11.82 -5.95 14.00
N LEU B 184 11.84 -7.19 13.51
CA LEU B 184 13.08 -7.86 13.19
C LEU B 184 13.55 -7.37 11.83
N ALA B 185 14.85 -7.54 11.57
CA ALA B 185 15.43 -7.07 10.32
C ALA B 185 14.74 -7.78 9.18
N PRO B 186 14.48 -7.05 8.06
CA PRO B 186 13.75 -7.58 6.95
C PRO B 186 14.55 -8.65 6.27
N GLN B 187 13.88 -9.65 5.69
CA GLN B 187 14.54 -10.59 4.81
C GLN B 187 14.27 -10.16 3.40
N ILE B 188 15.24 -9.55 2.67
CA ILE B 188 14.90 -9.17 1.29
C ILE B 188 15.57 -10.08 0.31
N SER B 189 14.78 -10.78 -0.48
CA SER B 189 15.31 -11.73 -1.44
C SER B 189 15.30 -10.98 -2.77
N PHE B 190 16.46 -10.44 -3.16
CA PHE B 190 16.48 -9.54 -4.38
C PHE B 190 16.42 -10.30 -5.70
N ALA B 191 15.48 -9.89 -6.56
CA ALA B 191 15.52 -10.29 -7.99
C ALA B 191 15.68 -11.77 -8.27
N PRO B 192 14.82 -12.60 -7.65
CA PRO B 192 14.90 -14.01 -7.95
C PRO B 192 14.63 -14.41 -9.40
N GLU B 193 13.85 -13.63 -10.15
CA GLU B 193 13.54 -13.99 -11.54
C GLU B 193 14.81 -13.87 -12.43
N ILE B 194 15.69 -12.94 -12.10
CA ILE B 194 16.97 -12.73 -12.80
C ILE B 194 18.03 -13.74 -12.30
N ALA B 195 18.09 -13.98 -10.99
CA ALA B 195 19.07 -14.89 -10.40
C ALA B 195 19.21 -16.27 -11.11
N SER B 196 20.37 -16.92 -10.93
CA SER B 196 20.47 -18.31 -11.40
C SER B 196 19.69 -19.24 -10.49
N GLU B 197 19.33 -20.40 -11.05
CA GLU B 197 18.60 -21.46 -10.35
C GLU B 197 19.37 -21.87 -9.09
N GLU B 198 20.68 -21.70 -9.12
CA GLU B 198 21.44 -22.10 -8.00
C GLU B 198 21.48 -20.91 -6.99
N GLU B 199 21.51 -19.68 -7.49
CA GLU B 199 21.46 -18.52 -6.60
C GLU B 199 20.06 -18.43 -5.92
N ARG B 200 19.01 -18.90 -6.61
CA ARG B 200 17.67 -19.03 -6.04
C ARG B 200 17.64 -20.00 -4.86
N LYS B 201 18.18 -21.23 -5.05
CA LYS B 201 18.31 -22.23 -3.95
C LYS B 201 19.07 -21.63 -2.79
N GLY B 202 20.07 -20.82 -3.10
CA GLY B 202 20.87 -20.17 -2.12
C GLY B 202 20.10 -19.16 -1.29
N MET B 203 19.20 -18.41 -1.94
CA MET B 203 18.36 -17.47 -1.19
C MET B 203 17.35 -18.20 -0.30
N VAL B 204 16.81 -19.31 -0.78
CA VAL B 204 15.85 -20.09 0.02
C VAL B 204 16.56 -20.61 1.29
N ALA B 205 17.73 -21.21 1.11
CA ALA B 205 18.42 -21.87 2.22
C ALA B 205 19.02 -20.80 3.15
N ALA B 206 19.30 -19.59 2.65
CA ALA B 206 19.74 -18.51 3.50
C ALA B 206 18.57 -18.11 4.46
N TRP B 207 17.35 -18.10 3.94
CA TRP B 207 16.19 -17.82 4.83
C TRP B 207 15.95 -18.97 5.87
N SER B 208 15.91 -20.20 5.36
CA SER B 208 15.88 -21.39 6.21
C SER B 208 16.91 -21.29 7.34
N GLN B 209 18.13 -21.00 6.94
CA GLN B 209 19.26 -20.90 7.86
C GLN B 209 19.07 -19.77 8.88
N ARG B 210 18.64 -18.59 8.44
CA ARG B 210 18.37 -17.53 9.37
C ARG B 210 17.30 -17.94 10.44
N LEU B 211 16.24 -18.65 9.98
CA LEU B 211 15.12 -18.97 10.87
C LEU B 211 15.60 -19.87 12.00
N GLN B 212 16.64 -20.66 11.69
CA GLN B 212 17.17 -21.54 12.74
C GLN B 212 17.51 -20.76 14.01
N THR B 213 17.89 -19.48 13.88
CA THR B 213 18.33 -18.71 15.06
C THR B 213 17.49 -17.45 15.25
N ILE B 214 16.28 -17.46 14.65
CA ILE B 214 15.42 -16.27 14.70
C ILE B 214 15.10 -15.81 16.08
N TRP B 215 15.03 -16.72 17.06
CA TRP B 215 14.57 -16.38 18.41
C TRP B 215 15.67 -15.69 19.26
N LYS B 216 16.87 -15.76 18.76
CA LYS B 216 18.03 -15.11 19.39
C LYS B 216 18.24 -13.72 18.83
N GLU B 217 17.53 -13.33 17.79
CA GLU B 217 17.74 -11.94 17.20
C GLU B 217 17.19 -10.84 18.06
N GLU B 218 17.80 -9.64 17.97
CA GLU B 218 17.28 -8.44 18.54
C GLU B 218 16.52 -7.69 17.41
N PRO B 219 15.53 -6.91 17.79
CA PRO B 219 14.82 -6.13 16.76
C PRO B 219 15.63 -4.96 16.27
N ILE B 220 15.28 -4.37 15.13
CA ILE B 220 15.97 -3.14 14.67
C ILE B 220 15.44 -1.97 15.47
N PRO B 221 16.24 -0.88 15.48
CA PRO B 221 15.69 0.32 16.06
C PRO B 221 14.87 0.97 14.92
N CYS B 222 13.56 0.98 15.09
CA CYS B 222 12.72 1.26 13.94
C CYS B 222 12.52 2.78 13.96
N THR B 223 13.53 3.51 13.48
CA THR B 223 13.51 4.96 13.58
C THR B 223 13.77 5.55 12.22
N ALA B 224 13.55 6.87 12.09
CA ALA B 224 14.01 7.60 10.88
C ALA B 224 15.49 7.39 10.56
N HIS B 225 16.37 7.34 11.57
CA HIS B 225 17.78 7.29 11.26
C HIS B 225 18.10 5.90 10.71
N TRP B 226 17.50 4.82 11.29
CA TRP B 226 17.71 3.51 10.72
C TRP B 226 17.33 3.48 9.21
N HIS B 227 16.19 4.06 8.89
CA HIS B 227 15.70 3.97 7.52
C HIS B 227 16.36 4.92 6.54
N PHE B 228 16.73 6.09 7.06
CA PHE B 228 17.18 7.22 6.18
C PHE B 228 18.62 7.68 6.40
N GLY B 229 19.19 7.38 7.57
CA GLY B 229 20.64 7.66 7.79
C GLY B 229 20.66 9.08 8.28
N GLN B 230 21.83 9.73 8.28
CA GLN B 230 21.86 11.07 8.91
C GLN B 230 21.54 12.17 7.89
ZN ZN C . 10.92 10.16 -8.52
PA FAD D . -14.02 13.23 7.64
O1A FAD D . -14.38 12.69 9.01
O2A FAD D . -15.12 12.84 6.65
O5B FAD D . -13.72 14.83 7.75
C5B FAD D . -13.68 15.59 8.94
C4B FAD D . -14.99 16.38 9.06
O4B FAD D . -15.23 17.28 7.97
C3B FAD D . -16.24 15.51 9.11
O3B FAD D . -17.01 15.99 10.20
C2B FAD D . -16.89 15.69 7.74
O2B FAD D . -18.24 15.25 7.58
C1B FAD D . -16.59 17.18 7.57
N9A FAD D . -16.76 17.80 6.23
C8A FAD D . -17.28 17.23 5.09
N7A FAD D . -17.23 18.16 4.11
C5A FAD D . -16.68 19.32 4.59
C6A FAD D . -16.42 20.59 4.03
N6A FAD D . -17.20 20.99 3.02
N1A FAD D . -15.82 21.59 4.80
C2A FAD D . -15.53 21.37 6.12
N3A FAD D . -15.82 20.13 6.67
C4A FAD D . -16.37 19.10 5.93
N1 FAD D . -3.90 8.75 9.63
C2 FAD D . -2.59 9.05 9.58
O2 FAD D . -2.16 10.24 9.81
N3 FAD D . -1.67 8.08 9.20
C4 FAD D . -2.04 6.78 8.85
O4 FAD D . -1.13 6.04 8.56
C4X FAD D . -3.41 6.44 8.96
N5 FAD D . -3.85 5.16 8.77
C5X FAD D . -5.19 4.90 8.79
C6 FAD D . -5.65 3.57 8.50
C7 FAD D . -6.99 3.27 8.51
C7M FAD D . -7.39 1.82 8.15
C8 FAD D . -7.94 4.26 8.83
C8M FAD D . -9.43 3.92 8.88
C9 FAD D . -7.49 5.57 9.08
C9A FAD D . -6.14 5.92 9.12
N10 FAD D . -5.66 7.22 9.34
C10 FAD D . -4.31 7.45 9.32
C1' FAD D . -6.64 8.33 9.70
C2' FAD D . -7.20 8.80 8.31
O2' FAD D . -6.21 9.12 7.36
C3' FAD D . -8.09 10.01 8.58
O3' FAD D . -9.16 9.43 9.26
C4' FAD D . -8.73 10.58 7.29
O4' FAD D . -7.69 11.16 6.53
C5' FAD D . -9.80 11.64 7.59
O5' FAD D . -10.35 12.09 6.30
P FAD D . -11.93 11.86 6.06
O1P FAD D . -12.38 10.41 6.30
O2P FAD D . -12.41 12.41 4.77
O3P FAD D . -12.50 12.75 7.31
C1 RZW E . -3.60 7.79 13.05
C2 RZW E . -2.20 7.47 12.67
C3 RZW E . -1.83 6.18 12.08
C4 RZW E . -2.83 5.24 11.90
C5 RZW E . -4.14 5.50 12.24
C6 RZW E . -4.60 6.76 12.78
N7 RZW E . -1.23 8.46 12.91
C8 RZW E . -1.63 9.69 13.44
C9 RZW E . -2.95 10.03 13.79
C10 RZW E . -3.98 9.12 13.62
C11 RZW E . -5.43 9.47 13.98
O12 RZW E . -0.70 10.51 13.54
C13 RZW E . 0.18 8.28 12.60
O14 RZW E . -0.51 5.96 11.74
C15 RZW E . 0.00 4.84 11.03
O16 RZW E . -5.09 4.55 12.08
C17 RZW E . -4.59 3.22 11.84
O18 RZW E . -5.94 6.91 13.13
C19 RZW E . -6.38 6.25 14.32
C1 RZW F . 12.25 -5.35 -15.83
C1 RZW F . 11.91 -4.71 -15.48
C2 RZW F . 12.03 -3.88 -15.66
C2 RZW F . 13.02 -5.53 -14.91
C3 RZW F . 12.99 -3.08 -14.83
C3 RZW F . 14.02 -4.87 -14.03
C4 RZW F . 14.07 -3.70 -14.22
C4 RZW F . 13.95 -3.49 -13.76
C5 RZW F . 14.32 -5.07 -14.35
C5 RZW F . 12.89 -2.68 -14.26
C6 RZW F . 13.43 -5.96 -15.15
C6 RZW F . 11.85 -3.25 -15.14
N7 RZW F . 10.92 -3.28 -16.29
N7 RZW F . 13.05 -6.90 -15.20
C8 RZW F . 10.03 -4.05 -17.06
C8 RZW F . 12.07 -7.49 -16.05
C9 RZW F . 10.21 -5.42 -17.25
C9 RZW F . 11.03 -6.74 -16.61
C10 RZW F . 11.27 -6.11 -16.67
C10 RZW F . 10.91 -5.38 -16.35
C11 RZW F . 11.38 -7.59 -16.91
C11 RZW F . 9.78 -4.58 -16.92
O12 RZW F . 9.08 -3.47 -17.61
O12 RZW F . 12.12 -8.71 -16.34
C13 RZW F . 10.68 -1.83 -16.15
C13 RZW F . 14.13 -7.70 -14.66
O14 RZW F . 12.79 -1.73 -14.67
O14 RZW F . 15.04 -5.63 -13.50
C15 RZW F . 13.65 -0.98 -13.81
C15 RZW F . 15.81 -5.05 -12.47
O16 RZW F . 15.39 -5.64 -13.72
O16 RZW F . 12.80 -1.33 -13.98
C17 RZW F . 15.68 -5.28 -12.37
C17 RZW F . 13.66 -0.68 -13.05
O18 RZW F . 13.75 -7.29 -15.21
O18 RZW F . 10.85 -2.43 -15.63
C19 RZW F . 14.89 -7.68 -15.99
C19 RZW F . 11.21 -1.21 -16.28
ZN ZN G . 9.57 2.73 13.83
PA FAD H . 8.93 -16.25 -9.25
O1A FAD H . 7.95 -17.29 -8.80
O2A FAD H . 8.63 -15.67 -10.67
O5B FAD H . 10.39 -16.94 -9.09
C5B FAD H . 11.49 -16.74 -9.94
C4B FAD H . 11.95 -18.15 -10.20
O4B FAD H . 12.27 -18.81 -8.97
C3B FAD H . 10.88 -19.01 -10.89
O3B FAD H . 11.44 -19.58 -12.07
C2B FAD H . 10.51 -20.04 -9.82
O2B FAD H . 10.17 -21.32 -10.27
C1B FAD H . 11.80 -20.14 -9.04
N9A FAD H . 11.60 -20.92 -7.81
C8A FAD H . 10.40 -21.24 -7.19
N7A FAD H . 10.67 -22.01 -6.12
C5A FAD H . 12.02 -22.21 -6.03
C6A FAD H . 12.86 -22.93 -5.13
N6A FAD H . 12.40 -23.72 -4.15
N1A FAD H . 14.22 -22.93 -5.33
C2A FAD H . 14.76 -22.26 -6.40
N3A FAD H . 13.94 -21.56 -7.27
C4A FAD H . 12.60 -21.54 -7.10
N1 FAD H . 9.60 -5.19 -8.20
C2 FAD H . 10.35 -4.23 -7.61
O2 FAD H . 11.59 -4.41 -7.38
N3 FAD H . 9.74 -3.09 -7.15
C4 FAD H . 8.35 -2.89 -7.39
O4 FAD H . 7.86 -1.83 -6.99
C4X FAD H . 7.59 -3.91 -7.99
N5 FAD H . 6.27 -3.69 -8.27
C5X FAD H . 5.53 -4.70 -8.82
C6 FAD H . 4.16 -4.45 -9.01
C7 FAD H . 3.43 -5.49 -9.61
C7M FAD H . 1.94 -5.30 -9.80
C8 FAD H . 4.06 -6.68 -10.01
C8M FAD H . 3.29 -7.85 -10.60
C9 FAD H . 5.39 -6.89 -9.80
C9A FAD H . 6.15 -5.90 -9.23
N10 FAD H . 7.52 -6.11 -9.00
C10 FAD H . 8.21 -5.07 -8.39
C1' FAD H . 8.17 -7.39 -9.36
C2' FAD H . 7.86 -8.39 -8.13
O2' FAD H . 8.31 -7.84 -6.86
C3' FAD H . 8.68 -9.63 -8.47
O3' FAD H . 8.14 -10.14 -9.64
C4' FAD H . 8.50 -10.72 -7.37
O4' FAD H . 9.14 -10.11 -6.24
C5' FAD H . 9.21 -12.05 -7.77
O5' FAD H . 8.86 -13.07 -6.80
P FAD H . 7.99 -14.34 -7.24
O1P FAD H . 7.74 -15.34 -6.23
O2P FAD H . 6.70 -13.97 -8.06
O3P FAD H . 9.10 -14.96 -8.31
C1 RZW I . 10.12 -3.59 -11.29
C2 RZW I . 10.28 -2.34 -10.52
C3 RZW I . 9.12 -1.50 -10.24
C4 RZW I . 7.84 -1.87 -10.69
C5 RZW I . 7.65 -3.08 -11.40
C6 RZW I . 8.77 -3.98 -11.70
N7 RZW I . 11.58 -1.93 -10.15
C8 RZW I . 12.65 -2.82 -10.40
C9 RZW I . 12.51 -4.04 -11.07
C10 RZW I . 11.25 -4.45 -11.51
C11 RZW I . 11.11 -5.73 -12.25
O12 RZW I . 13.73 -2.46 -9.99
C13 RZW I . 11.87 -0.70 -9.45
O14 RZW I . 9.34 -0.38 -9.52
C15 RZW I . 8.31 0.48 -9.05
O16 RZW I . 6.41 -3.49 -11.82
C17 RZW I . 5.36 -2.49 -11.68
O18 RZW I . 8.53 -5.12 -12.44
C19 RZW I . 8.26 -4.98 -13.82
#